data_5ZUU
#
_entry.id   5ZUU
#
_cell.length_a   69.108
_cell.length_b   74.293
_cell.length_c   151.139
_cell.angle_alpha   90.00
_cell.angle_beta   90.00
_cell.angle_gamma   90.00
#
_symmetry.space_group_name_H-M   'P 21 21 21'
#
loop_
_entity.id
_entity.type
_entity.pdbx_description
1 polymer '30-kDa cleavage and polyadenylation specificity factor 30'
2 polymer "RNA (5'-R(*(6MZ)P*CP*UP*AP*G)-3')"
3 non-polymer GLYCEROL
4 non-polymer '4-(2-HYDROXYETHYL)-1-PIPERAZINE ETHANESULFONIC ACID'
5 water water
#
loop_
_entity_poly.entity_id
_entity_poly.type
_entity_poly.pdbx_seq_one_letter_code
_entity_poly.pdbx_strand_id
1 'polypeptide(L)'
;PADQTNRTSHPLPQGVNRYFVVKSNNRENFELSVQQGVWATQRSNEAKLNEAFDSVENVILIFSVNRTRHFQGCAKMTSR
IGGYIGGGNWKHEHGTAQYGRNFSVKWLKLCELSFHKTRNLRNPYNENLPVKISRDCQELEPSVGEQLASLLYLEPDSEL
MAISIAAEAKREEEKAKGVN
;
C,A,B,D
2 'polyribonucleotide' AAGG(6MD)CUAGC E,F,G,I
#
# COMPACT_ATOMS: atom_id res chain seq x y z
N PRO A 1 -21.62 28.70 52.05
CA PRO A 1 -21.64 27.23 52.31
C PRO A 1 -22.97 26.55 51.96
N ALA A 2 -24.05 27.33 51.91
CA ALA A 2 -25.28 26.89 51.22
C ALA A 2 -25.15 26.57 49.71
N ASP A 3 -24.11 27.09 49.03
CA ASP A 3 -23.89 26.87 47.56
C ASP A 3 -23.50 25.43 47.24
N GLN A 4 -24.12 24.81 46.25
CA GLN A 4 -23.73 23.47 45.81
C GLN A 4 -22.33 23.58 45.20
N THR A 5 -21.54 22.49 45.26
CA THR A 5 -20.23 22.39 44.57
C THR A 5 -20.40 22.82 43.09
N ASN A 6 -19.83 23.96 42.67
CA ASN A 6 -20.05 24.40 41.27
C ASN A 6 -19.15 23.61 40.29
N ARG A 7 -19.65 23.48 39.06
CA ARG A 7 -19.11 22.53 38.09
C ARG A 7 -18.53 23.29 36.91
N THR A 8 -17.57 22.68 36.26
CA THR A 8 -16.84 23.28 35.19
C THR A 8 -17.15 22.68 33.82
N SER A 9 -18.02 21.68 33.76
CA SER A 9 -18.43 21.03 32.53
C SER A 9 -19.96 20.79 32.62
N HIS A 10 -20.64 20.51 31.50
CA HIS A 10 -22.03 20.25 31.54
C HIS A 10 -22.12 18.74 31.59
N PRO A 11 -23.00 18.24 32.46
CA PRO A 11 -23.30 16.81 32.47
C PRO A 11 -24.02 16.35 31.17
N LEU A 12 -23.80 15.10 30.81
CA LEU A 12 -24.50 14.47 29.76
C LEU A 12 -26.00 14.70 30.00
N PRO A 13 -26.73 15.35 29.06
CA PRO A 13 -28.17 15.49 29.26
C PRO A 13 -28.83 14.15 29.55
N GLN A 14 -29.85 14.21 30.39
CA GLN A 14 -30.59 13.01 30.75
C GLN A 14 -31.57 12.73 29.65
N GLY A 15 -31.91 11.45 29.55
CA GLY A 15 -33.01 10.99 28.70
C GLY A 15 -32.53 10.17 27.54
N VAL A 16 -33.37 10.09 26.51
CA VAL A 16 -33.03 9.27 25.34
C VAL A 16 -32.15 10.07 24.37
N ASN A 17 -30.91 9.64 24.24
CA ASN A 17 -29.94 10.34 23.41
C ASN A 17 -29.55 9.44 22.23
N ARG A 18 -29.05 10.04 21.15
CA ARG A 18 -28.27 9.31 20.14
C ARG A 18 -26.94 9.95 20.10
N TYR A 19 -25.96 9.18 19.66
CA TYR A 19 -24.54 9.51 19.73
C TYR A 19 -23.89 9.26 18.38
N PHE A 20 -23.11 10.26 17.92
CA PHE A 20 -22.38 10.18 16.65
C PHE A 20 -20.95 10.59 16.88
N VAL A 21 -20.00 9.87 16.30
CA VAL A 21 -18.62 10.33 16.25
C VAL A 21 -18.47 11.34 15.12
N VAL A 22 -17.90 12.49 15.43
CA VAL A 22 -17.65 13.56 14.50
C VAL A 22 -16.15 13.66 14.37
N LYS A 23 -15.67 13.66 13.12
CA LYS A 23 -14.22 13.73 12.82
C LYS A 23 -13.83 15.10 12.19
N SER A 24 -12.68 15.65 12.59
CA SER A 24 -12.03 16.82 11.94
C SER A 24 -10.63 16.49 11.45
N ASN A 25 -10.30 17.02 10.28
CA ASN A 25 -9.00 16.85 9.64
C ASN A 25 -7.96 17.60 10.39
N ASN A 26 -8.34 18.62 11.18
CA ASN A 26 -7.37 19.47 11.85
C ASN A 26 -7.89 19.98 13.22
N ARG A 27 -6.98 20.37 14.12
CA ARG A 27 -7.39 20.98 15.40
C ARG A 27 -7.95 22.37 15.22
N GLU A 28 -7.47 23.06 14.21
CA GLU A 28 -7.89 24.46 14.09
C GLU A 28 -9.39 24.52 14.06
N ASN A 29 -10.08 23.69 13.26
CA ASN A 29 -11.55 23.77 13.18
C ASN A 29 -12.24 23.40 14.50
N PHE A 30 -11.73 22.39 15.12
CA PHE A 30 -12.24 21.97 16.40
C PHE A 30 -12.15 23.12 17.43
N GLU A 31 -11.00 23.78 17.45
CA GLU A 31 -10.81 24.96 18.33
C GLU A 31 -11.69 26.14 18.03
N LEU A 32 -11.92 26.39 16.75
CA LEU A 32 -12.89 27.36 16.32
C LEU A 32 -14.31 27.00 16.76
N SER A 33 -14.64 25.71 16.63
CA SER A 33 -15.93 25.26 17.11
C SER A 33 -16.15 25.57 18.61
N VAL A 34 -15.11 25.32 19.37
CA VAL A 34 -15.13 25.54 20.81
C VAL A 34 -15.31 27.02 21.13
N GLN A 35 -14.60 27.90 20.43
N GLN A 35 -14.59 27.87 20.41
CA GLN A 35 -14.71 29.34 20.68
CA GLN A 35 -14.66 29.32 20.61
C GLN A 35 -16.07 29.89 20.25
C GLN A 35 -16.04 29.88 20.25
N GLN A 36 -16.67 29.32 19.22
CA GLN A 36 -17.90 29.87 18.64
C GLN A 36 -19.16 29.10 18.90
N GLY A 37 -19.11 27.85 19.37
CA GLY A 37 -20.36 27.11 19.56
C GLY A 37 -21.10 26.70 18.30
N VAL A 38 -20.29 26.31 17.33
CA VAL A 38 -20.73 26.11 15.96
C VAL A 38 -19.96 24.98 15.32
N TRP A 39 -20.62 24.20 14.48
CA TRP A 39 -19.94 23.24 13.64
C TRP A 39 -20.56 23.23 12.27
N ALA A 40 -19.84 22.65 11.31
CA ALA A 40 -20.39 22.31 10.02
C ALA A 40 -19.83 20.94 9.63
N THR A 41 -20.66 20.08 9.02
CA THR A 41 -20.16 18.77 8.58
C THR A 41 -20.14 18.68 7.06
N GLN A 42 -19.71 17.54 6.54
CA GLN A 42 -19.75 17.28 5.10
C GLN A 42 -21.18 17.29 4.67
N ARG A 43 -21.44 17.77 3.44
CA ARG A 43 -22.83 17.86 2.90
C ARG A 43 -23.61 16.56 2.90
N SER A 44 -22.94 15.50 2.55
CA SER A 44 -23.53 14.17 2.61
C SER A 44 -23.95 13.70 3.98
N ASN A 45 -23.54 14.36 5.06
CA ASN A 45 -23.90 13.93 6.40
C ASN A 45 -25.05 14.71 7.00
N GLU A 46 -25.54 15.76 6.31
CA GLU A 46 -26.44 16.70 6.96
C GLU A 46 -27.84 16.11 7.26
N ALA A 47 -28.35 15.28 6.33
CA ALA A 47 -29.66 14.70 6.47
C ALA A 47 -29.68 13.71 7.64
N LYS A 48 -28.59 13.00 7.81
CA LYS A 48 -28.55 12.11 8.93
C LYS A 48 -28.43 12.75 10.28
N LEU A 49 -27.71 13.86 10.40
CA LEU A 49 -27.75 14.59 11.63
C LEU A 49 -29.13 15.20 11.79
N ASN A 50 -29.80 15.64 10.72
CA ASN A 50 -31.13 16.24 10.92
C ASN A 50 -32.16 15.17 11.32
N GLU A 51 -32.01 13.96 10.79
CA GLU A 51 -32.91 12.89 11.15
C GLU A 51 -32.75 12.59 12.64
N ALA A 52 -31.52 12.57 13.12
CA ALA A 52 -31.27 12.32 14.57
C ALA A 52 -31.81 13.52 15.38
N PHE A 53 -31.54 14.74 14.94
CA PHE A 53 -32.00 15.89 15.64
C PHE A 53 -33.49 15.87 15.80
N ASP A 54 -34.24 15.47 14.76
CA ASP A 54 -35.69 15.44 14.87
C ASP A 54 -36.19 14.30 15.75
N SER A 55 -35.46 13.18 15.82
CA SER A 55 -35.92 11.96 16.47
C SER A 55 -35.87 11.94 18.00
N VAL A 56 -34.91 12.63 18.61
CA VAL A 56 -34.67 12.51 20.07
C VAL A 56 -34.38 13.85 20.63
N GLU A 57 -34.39 13.96 21.94
CA GLU A 57 -34.20 15.25 22.65
C GLU A 57 -32.73 15.76 22.57
N ASN A 58 -31.78 14.83 22.51
CA ASN A 58 -30.37 15.17 22.51
C ASN A 58 -29.55 14.31 21.57
N VAL A 59 -28.88 14.96 20.65
CA VAL A 59 -27.93 14.36 19.80
C VAL A 59 -26.60 14.80 20.33
N ILE A 60 -25.86 13.79 20.77
CA ILE A 60 -24.54 13.96 21.34
C ILE A 60 -23.46 13.64 20.31
N LEU A 61 -22.62 14.62 20.01
CA LEU A 61 -21.51 14.52 19.02
C LEU A 61 -20.20 14.38 19.78
N ILE A 62 -19.57 13.24 19.65
CA ILE A 62 -18.31 12.94 20.24
C ILE A 62 -17.22 13.18 19.22
N PHE A 63 -16.38 14.19 19.47
CA PHE A 63 -15.39 14.68 18.52
C PHE A 63 -14.09 14.00 18.62
N SER A 64 -13.46 13.84 17.49
CA SER A 64 -12.11 13.37 17.46
C SER A 64 -11.41 13.91 16.27
N VAL A 65 -10.28 14.59 16.51
CA VAL A 65 -9.40 15.04 15.41
C VAL A 65 -8.60 13.86 14.76
N ASN A 66 -8.68 13.73 13.43
CA ASN A 66 -7.97 12.68 12.69
C ASN A 66 -6.50 12.62 13.13
N ARG A 67 -6.01 11.41 13.29
CA ARG A 67 -4.62 11.13 13.57
C ARG A 67 -4.14 11.51 14.97
N THR A 68 -4.96 12.14 15.81
CA THR A 68 -4.49 12.48 17.18
C THR A 68 -4.55 11.32 18.18
N ARG A 69 -5.14 10.19 17.79
CA ARG A 69 -5.21 8.97 18.65
C ARG A 69 -6.09 9.24 19.90
N HIS A 70 -6.95 10.26 19.83
CA HIS A 70 -7.74 10.65 21.00
C HIS A 70 -9.17 11.13 20.54
N PHE A 71 -10.11 11.05 21.48
CA PHE A 71 -11.33 11.84 21.46
C PHE A 71 -11.08 13.07 22.28
N GLN A 72 -11.65 14.22 21.86
CA GLN A 72 -11.45 15.50 22.50
C GLN A 72 -12.68 16.04 23.25
N GLY A 73 -13.81 15.35 23.19
CA GLY A 73 -14.99 15.85 23.94
C GLY A 73 -16.29 15.51 23.28
N CYS A 74 -17.36 16.09 23.82
CA CYS A 74 -18.69 15.88 23.33
C CYS A 74 -19.50 17.18 23.46
N ALA A 75 -20.37 17.36 22.47
CA ALA A 75 -21.27 18.52 22.33
C ALA A 75 -22.66 18.04 22.04
N LYS A 76 -23.64 18.82 22.44
CA LYS A 76 -24.99 18.61 22.03
C LYS A 76 -25.23 19.43 20.74
N MET A 77 -25.84 18.80 19.74
CA MET A 77 -26.33 19.51 18.55
C MET A 77 -27.49 20.39 18.99
N THR A 78 -27.40 21.70 18.91
CA THR A 78 -28.52 22.54 19.40
C THR A 78 -29.30 23.27 18.36
N SER A 79 -28.97 23.16 17.08
CA SER A 79 -29.95 23.57 16.08
C SER A 79 -29.99 22.53 14.95
N ARG A 80 -31.11 22.55 14.25
CA ARG A 80 -31.34 21.74 13.06
C ARG A 80 -30.49 22.37 11.93
N ILE A 81 -29.85 21.58 11.08
CA ILE A 81 -29.07 22.14 9.96
C ILE A 81 -30.05 22.70 8.91
N GLY A 82 -29.77 23.92 8.47
CA GLY A 82 -30.63 24.69 7.60
C GLY A 82 -30.89 25.91 8.44
N GLY A 83 -31.00 27.06 7.86
CA GLY A 83 -31.24 28.21 8.75
C GLY A 83 -29.90 28.89 9.01
N TYR A 84 -29.88 30.22 9.00
CA TYR A 84 -28.62 30.89 9.20
C TYR A 84 -28.18 30.76 10.68
N ILE A 85 -26.92 30.43 10.86
CA ILE A 85 -26.29 30.40 12.17
C ILE A 85 -25.07 31.33 12.25
N GLY A 86 -24.16 31.28 11.28
CA GLY A 86 -23.04 32.21 11.33
C GLY A 86 -21.83 31.74 12.09
N GLY A 87 -20.75 32.48 11.91
CA GLY A 87 -19.48 32.12 12.47
C GLY A 87 -18.71 31.23 11.54
N GLY A 88 -17.86 30.41 12.13
CA GLY A 88 -17.15 29.36 11.42
C GLY A 88 -16.78 29.71 10.00
N ASN A 89 -15.78 30.56 9.82
CA ASN A 89 -14.97 30.45 8.63
C ASN A 89 -13.89 29.37 8.86
N TRP A 90 -14.06 28.24 8.19
CA TRP A 90 -13.36 27.04 8.50
C TRP A 90 -12.13 26.99 7.63
N LYS A 91 -11.09 26.35 8.13
CA LYS A 91 -9.95 25.99 7.31
C LYS A 91 -10.27 24.74 6.47
N HIS A 92 -9.94 24.74 5.17
CA HIS A 92 -9.82 23.49 4.38
C HIS A 92 -8.84 23.62 3.23
N GLU A 93 -8.34 22.49 2.72
CA GLU A 93 -7.34 22.47 1.60
C GLU A 93 -7.96 22.55 0.18
N HIS A 94 -7.37 23.39 -0.70
CA HIS A 94 -7.83 23.73 -2.08
C HIS A 94 -9.34 23.47 -2.37
N GLY A 95 -10.21 23.97 -1.48
CA GLY A 95 -11.67 23.84 -1.63
C GLY A 95 -12.29 22.45 -1.50
N THR A 96 -11.47 21.42 -1.19
CA THR A 96 -11.92 20.01 -1.22
C THR A 96 -12.78 19.65 0.00
N ALA A 97 -13.76 18.76 -0.25
CA ALA A 97 -14.77 18.33 0.73
C ALA A 97 -15.55 19.51 1.34
N GLN A 98 -15.75 20.60 0.57
CA GLN A 98 -16.40 21.86 1.04
C GLN A 98 -17.60 21.64 2.00
N TYR A 99 -17.56 22.31 3.15
CA TYR A 99 -18.46 21.94 4.26
C TYR A 99 -19.85 22.51 4.05
N GLY A 100 -20.79 21.95 4.78
CA GLY A 100 -22.17 22.31 4.62
C GLY A 100 -22.51 23.53 5.41
N ARG A 101 -23.73 23.62 5.86
CA ARG A 101 -24.16 24.78 6.58
C ARG A 101 -23.75 24.69 8.07
N ASN A 102 -23.43 25.86 8.65
CA ASN A 102 -23.05 25.91 10.06
C ASN A 102 -24.29 25.58 10.84
N PHE A 103 -24.14 24.84 11.92
CA PHE A 103 -25.21 24.70 12.93
C PHE A 103 -24.66 24.89 14.39
N SER A 104 -25.54 25.14 15.34
CA SER A 104 -25.14 25.33 16.73
C SER A 104 -24.81 24.04 17.43
N VAL A 105 -23.82 24.13 18.29
CA VAL A 105 -23.51 23.07 19.23
C VAL A 105 -23.20 23.74 20.57
N LYS A 106 -23.43 22.99 21.64
CA LYS A 106 -23.02 23.38 22.99
C LYS A 106 -22.05 22.33 23.48
N TRP A 107 -20.81 22.76 23.72
CA TRP A 107 -19.78 21.88 24.23
C TRP A 107 -20.07 21.49 25.67
N LEU A 108 -20.15 20.18 25.89
CA LEU A 108 -20.53 19.67 27.21
C LEU A 108 -19.27 19.36 28.01
N LYS A 109 -18.30 18.69 27.41
CA LYS A 109 -17.15 18.23 28.05
C LYS A 109 -16.02 18.24 27.06
N LEU A 110 -14.94 18.85 27.46
CA LEU A 110 -13.71 18.88 26.69
C LEU A 110 -12.54 18.27 27.46
N CYS A 111 -11.81 17.38 26.82
CA CYS A 111 -10.81 16.56 27.51
C CYS A 111 -9.93 15.86 26.47
N GLU A 112 -8.97 15.00 26.82
CA GLU A 112 -8.23 14.21 25.86
C GLU A 112 -8.37 12.76 26.25
N LEU A 113 -9.20 12.02 25.54
CA LEU A 113 -9.46 10.64 25.89
C LEU A 113 -8.72 9.77 24.88
N SER A 114 -7.67 9.13 25.34
CA SER A 114 -6.89 8.24 24.51
C SER A 114 -7.68 7.03 24.01
N PHE A 115 -7.43 6.64 22.78
CA PHE A 115 -8.04 5.47 22.15
C PHE A 115 -7.67 4.16 22.90
N HIS A 116 -6.48 4.14 23.49
CA HIS A 116 -6.02 3.00 24.31
C HIS A 116 -7.08 2.71 25.36
N LYS A 117 -7.59 3.79 25.93
CA LYS A 117 -8.61 3.66 26.98
C LYS A 117 -9.99 3.25 26.51
N THR A 118 -10.27 3.31 25.22
CA THR A 118 -11.50 2.86 24.63
C THR A 118 -11.38 1.57 23.90
N ARG A 119 -10.30 0.84 24.10
CA ARG A 119 -9.95 -0.29 23.23
C ARG A 119 -10.82 -1.52 23.47
N ASN A 120 -11.55 -1.59 24.59
CA ASN A 120 -12.48 -2.72 24.80
C ASN A 120 -13.91 -2.38 24.38
N LEU A 121 -14.11 -1.27 23.68
CA LEU A 121 -15.44 -0.82 23.31
C LEU A 121 -15.57 -0.94 21.83
N ARG A 122 -16.60 -1.66 21.39
CA ARG A 122 -16.91 -1.83 19.97
C ARG A 122 -18.31 -1.39 19.62
N ASN A 123 -18.51 -1.01 18.35
CA ASN A 123 -19.77 -0.47 17.84
C ASN A 123 -20.49 -1.45 16.85
N PRO A 124 -21.59 -2.09 17.29
CA PRO A 124 -22.46 -2.96 16.44
C PRO A 124 -22.93 -2.27 15.15
N TYR A 125 -23.09 -0.95 15.15
CA TYR A 125 -23.48 -0.24 13.96
C TYR A 125 -22.36 -0.11 12.96
N ASN A 126 -21.12 -0.38 13.31
CA ASN A 126 -20.06 -0.35 12.37
C ASN A 126 -19.33 -1.71 12.40
N GLU A 127 -20.06 -2.79 12.23
CA GLU A 127 -19.46 -4.15 12.12
C GLU A 127 -18.71 -4.61 13.36
N ASN A 128 -19.15 -4.12 14.52
CA ASN A 128 -18.50 -4.50 15.75
C ASN A 128 -16.99 -4.14 15.77
N LEU A 129 -16.59 -3.16 14.99
CA LEU A 129 -15.25 -2.64 15.02
C LEU A 129 -15.03 -1.73 16.28
N PRO A 130 -13.78 -1.60 16.76
CA PRO A 130 -13.52 -0.76 17.92
C PRO A 130 -13.94 0.66 17.64
N VAL A 131 -14.51 1.34 18.62
CA VAL A 131 -15.06 2.68 18.36
C VAL A 131 -14.08 3.72 17.81
N LYS A 132 -12.75 3.53 18.04
CA LYS A 132 -11.76 4.41 17.42
C LYS A 132 -11.81 4.44 15.88
N ILE A 133 -12.24 3.31 15.29
CA ILE A 133 -12.47 3.17 13.83
C ILE A 133 -13.87 3.66 13.51
N SER A 134 -14.00 4.96 13.44
CA SER A 134 -15.25 5.67 13.22
C SER A 134 -14.98 6.78 12.24
N ARG A 135 -15.62 6.72 11.06
CA ARG A 135 -15.62 7.83 10.11
C ARG A 135 -16.49 8.96 10.62
N ASP A 136 -16.43 10.10 9.95
CA ASP A 136 -17.22 11.27 10.32
C ASP A 136 -18.71 10.95 10.29
N CYS A 137 -19.39 11.27 11.37
CA CYS A 137 -20.82 11.06 11.61
C CYS A 137 -21.27 9.62 11.64
N GLN A 138 -20.37 8.72 11.93
CA GLN A 138 -20.77 7.34 12.23
C GLN A 138 -21.58 7.30 13.56
N GLU A 139 -22.77 6.74 13.48
CA GLU A 139 -23.62 6.58 14.68
C GLU A 139 -23.06 5.48 15.60
N LEU A 140 -23.06 5.74 16.91
CA LEU A 140 -22.74 4.74 17.89
C LEU A 140 -24.05 4.10 18.31
N GLU A 141 -24.09 2.77 18.31
CA GLU A 141 -25.16 2.04 18.98
C GLU A 141 -25.35 2.67 20.39
N PRO A 142 -26.58 2.96 20.79
CA PRO A 142 -26.66 4.00 21.83
C PRO A 142 -26.15 3.63 23.21
N SER A 143 -26.20 2.35 23.50
CA SER A 143 -25.60 1.86 24.73
C SER A 143 -24.09 1.97 24.69
N VAL A 144 -23.50 1.72 23.53
CA VAL A 144 -22.08 1.92 23.40
C VAL A 144 -21.70 3.44 23.43
N GLY A 145 -22.54 4.29 22.83
CA GLY A 145 -22.37 5.74 22.87
C GLY A 145 -22.36 6.32 24.25
N GLU A 146 -23.27 5.83 25.06
CA GLU A 146 -23.32 6.21 26.46
C GLU A 146 -22.03 5.74 27.25
N GLN A 147 -21.53 4.53 26.99
CA GLN A 147 -20.26 4.12 27.54
C GLN A 147 -19.10 4.95 27.12
N LEU A 148 -19.01 5.29 25.82
CA LEU A 148 -17.94 6.10 25.34
C LEU A 148 -18.01 7.51 25.92
N ALA A 149 -19.17 8.12 25.93
CA ALA A 149 -19.29 9.44 26.58
C ALA A 149 -18.92 9.34 28.09
N SER A 150 -19.35 8.29 28.77
CA SER A 150 -19.00 8.18 30.17
C SER A 150 -17.45 8.18 30.38
N LEU A 151 -16.66 7.63 29.45
CA LEU A 151 -15.21 7.67 29.56
C LEU A 151 -14.65 9.10 29.45
N LEU A 152 -15.29 9.90 28.60
CA LEU A 152 -14.92 11.29 28.46
C LEU A 152 -15.04 12.01 29.82
N TYR A 153 -16.13 11.81 30.53
CA TYR A 153 -16.36 12.41 31.86
C TYR A 153 -15.39 11.90 32.97
N LEU A 154 -14.66 10.79 32.76
CA LEU A 154 -13.59 10.41 33.65
C LEU A 154 -12.34 11.22 33.44
N GLU A 155 -12.15 11.86 32.29
CA GLU A 155 -10.94 12.61 32.05
C GLU A 155 -11.02 13.99 32.59
N PRO A 156 -9.88 14.52 33.08
CA PRO A 156 -9.84 15.96 33.53
C PRO A 156 -10.16 16.89 32.36
N ASP A 157 -10.81 18.01 32.67
CA ASP A 157 -11.05 19.07 31.73
C ASP A 157 -9.74 19.46 31.04
N SER A 158 -9.76 19.63 29.70
CA SER A 158 -8.68 20.24 29.02
C SER A 158 -8.84 21.75 29.19
N GLU A 159 -7.80 22.45 28.77
CA GLU A 159 -7.83 23.93 28.76
C GLU A 159 -8.99 24.51 27.94
N LEU A 160 -9.46 23.81 26.91
CA LEU A 160 -10.60 24.27 26.10
C LEU A 160 -11.88 24.36 26.86
N MET A 161 -12.03 23.57 27.93
CA MET A 161 -13.32 23.55 28.65
C MET A 161 -13.71 24.94 29.15
N ALA A 162 -12.82 25.55 29.93
CA ALA A 162 -13.09 26.89 30.47
C ALA A 162 -13.23 27.91 29.29
N ILE A 163 -12.42 27.74 28.25
CA ILE A 163 -12.58 28.58 27.03
C ILE A 163 -14.02 28.51 26.50
N SER A 164 -14.55 27.29 26.41
CA SER A 164 -15.89 27.10 25.99
C SER A 164 -16.91 27.80 26.87
N ILE A 165 -16.77 27.63 28.17
CA ILE A 165 -17.76 28.13 29.18
C ILE A 165 -17.78 29.68 29.11
N ALA A 166 -16.58 30.26 29.06
CA ALA A 166 -16.42 31.73 28.89
C ALA A 166 -17.10 32.19 27.60
N ALA A 167 -16.79 31.52 26.47
CA ALA A 167 -17.37 31.97 25.17
C ALA A 167 -18.86 31.87 25.16
N GLU A 168 -19.37 30.74 25.66
CA GLU A 168 -20.79 30.46 25.89
C GLU A 168 -21.48 31.55 26.72
N ALA A 169 -20.88 31.96 27.83
CA ALA A 169 -21.45 33.02 28.67
C ALA A 169 -21.49 34.35 27.94
N LYS A 170 -20.38 34.71 27.28
CA LYS A 170 -20.29 35.95 26.46
C LYS A 170 -21.40 36.05 25.43
N ARG A 171 -21.68 34.94 24.74
CA ARG A 171 -22.78 34.91 23.77
C ARG A 171 -24.16 35.05 24.39
N GLU A 172 -24.29 34.59 25.63
CA GLU A 172 -25.50 34.76 26.42
C GLU A 172 -25.81 36.22 26.79
N GLU A 173 -24.82 37.05 27.13
CA GLU A 173 -25.12 38.48 27.39
C GLU A 173 -25.55 39.19 26.05
N GLU A 174 -26.87 39.46 25.95
CA GLU A 174 -27.54 40.04 24.77
C GLU A 174 -28.48 41.21 25.10
N THR B 8 3.63 -5.41 -28.89
CA THR B 8 2.65 -4.33 -29.29
C THR B 8 2.61 -3.05 -28.35
N SER B 9 3.80 -2.65 -27.88
CA SER B 9 4.06 -1.53 -26.99
C SER B 9 5.14 -0.63 -27.61
N HIS B 10 5.18 0.65 -27.23
CA HIS B 10 6.23 1.57 -27.72
C HIS B 10 7.40 1.42 -26.80
N PRO B 11 8.61 1.30 -27.32
CA PRO B 11 9.75 1.12 -26.39
C PRO B 11 10.05 2.39 -25.56
N LEU B 12 10.78 2.24 -24.46
CA LEU B 12 11.03 3.35 -23.52
C LEU B 12 11.94 4.36 -24.20
N PRO B 13 11.53 5.63 -24.35
CA PRO B 13 12.48 6.54 -25.02
C PRO B 13 13.88 6.58 -24.40
N GLN B 14 14.92 6.45 -25.23
CA GLN B 14 16.29 6.67 -24.77
C GLN B 14 16.59 8.16 -24.54
N GLY B 15 17.51 8.43 -23.65
CA GLY B 15 17.87 9.81 -23.31
C GLY B 15 17.87 10.04 -21.83
N VAL B 16 18.19 11.26 -21.45
CA VAL B 16 18.18 11.63 -20.04
C VAL B 16 16.68 11.88 -19.86
N ASN B 17 16.02 11.03 -19.09
CA ASN B 17 14.59 11.17 -18.79
C ASN B 17 14.39 11.54 -17.31
N ARG B 18 13.20 11.95 -16.97
CA ARG B 18 12.81 12.03 -15.57
C ARG B 18 11.57 11.20 -15.42
N TYR B 19 11.35 10.71 -14.23
CA TYR B 19 10.30 9.75 -13.98
C TYR B 19 9.44 10.19 -12.82
N PHE B 20 8.11 10.21 -13.03
CA PHE B 20 7.12 10.49 -11.96
C PHE B 20 6.10 9.38 -11.83
N VAL B 21 5.72 9.09 -10.60
CA VAL B 21 4.54 8.25 -10.32
C VAL B 21 3.32 9.17 -10.41
N VAL B 22 2.32 8.75 -11.18
CA VAL B 22 0.99 9.39 -11.20
C VAL B 22 -0.05 8.47 -10.57
N LYS B 23 -0.89 9.05 -9.71
CA LYS B 23 -1.91 8.30 -9.04
C LYS B 23 -3.33 8.73 -9.47
N SER B 24 -4.25 7.76 -9.54
CA SER B 24 -5.69 8.03 -9.82
C SER B 24 -6.50 7.34 -8.72
N ASN B 25 -7.48 8.05 -8.17
CA ASN B 25 -8.34 7.42 -7.17
C ASN B 25 -9.54 6.72 -7.77
N ASN B 26 -9.63 6.61 -9.10
CA ASN B 26 -10.63 5.73 -9.70
C ASN B 26 -10.13 5.17 -10.98
N ARG B 27 -10.72 4.06 -11.42
CA ARG B 27 -10.29 3.47 -12.64
C ARG B 27 -10.89 4.17 -13.84
N GLU B 28 -11.99 4.86 -13.66
CA GLU B 28 -12.68 5.47 -14.79
C GLU B 28 -11.79 6.52 -15.47
N ASN B 29 -11.14 7.35 -14.68
CA ASN B 29 -10.28 8.37 -15.24
C ASN B 29 -9.08 7.72 -15.95
N PHE B 30 -8.47 6.73 -15.32
CA PHE B 30 -7.37 6.01 -15.96
C PHE B 30 -7.78 5.39 -17.30
N GLU B 31 -8.95 4.75 -17.36
CA GLU B 31 -9.44 4.18 -18.62
C GLU B 31 -9.69 5.20 -19.71
N LEU B 32 -10.25 6.35 -19.32
CA LEU B 32 -10.42 7.51 -20.21
C LEU B 32 -9.07 7.96 -20.76
N SER B 33 -8.05 7.99 -19.90
CA SER B 33 -6.72 8.41 -20.33
C SER B 33 -6.13 7.50 -21.43
N VAL B 34 -6.30 6.19 -21.24
CA VAL B 34 -5.84 5.23 -22.23
C VAL B 34 -6.62 5.42 -23.56
N GLN B 35 -7.92 5.65 -23.45
CA GLN B 35 -8.76 5.88 -24.61
C GLN B 35 -8.32 7.19 -25.33
N GLN B 36 -8.22 8.27 -24.56
CA GLN B 36 -8.08 9.61 -25.12
C GLN B 36 -6.64 10.17 -25.27
N GLY B 37 -5.61 9.59 -24.65
CA GLY B 37 -4.26 10.14 -24.69
C GLY B 37 -4.15 11.50 -24.03
N VAL B 38 -4.94 11.70 -22.98
CA VAL B 38 -4.91 12.89 -22.14
C VAL B 38 -4.86 12.51 -20.66
N TRP B 39 -4.37 13.44 -19.84
CA TRP B 39 -4.43 13.33 -18.41
C TRP B 39 -4.66 14.72 -17.86
N ALA B 40 -5.00 14.80 -16.58
CA ALA B 40 -4.97 16.05 -15.85
C ALA B 40 -4.59 15.72 -14.43
N THR B 41 -3.88 16.64 -13.77
CA THR B 41 -3.49 16.44 -12.36
C THR B 41 -4.04 17.49 -11.44
N GLN B 42 -3.69 17.37 -10.18
CA GLN B 42 -4.03 18.34 -9.15
C GLN B 42 -3.36 19.69 -9.48
N ARG B 43 -4.06 20.80 -9.29
CA ARG B 43 -3.50 22.12 -9.56
C ARG B 43 -2.19 22.35 -8.82
N SER B 44 -2.04 21.81 -7.65
CA SER B 44 -0.78 21.96 -6.95
C SER B 44 0.40 21.14 -7.56
N ASN B 45 0.14 20.25 -8.54
CA ASN B 45 1.19 19.51 -9.25
C ASN B 45 1.53 20.06 -10.63
N GLU B 46 0.84 21.12 -11.06
CA GLU B 46 1.03 21.64 -12.42
C GLU B 46 2.44 22.20 -12.73
N ALA B 47 2.92 23.07 -11.86
CA ALA B 47 4.22 23.71 -12.00
C ALA B 47 5.30 22.67 -12.04
N LYS B 48 5.20 21.73 -11.11
CA LYS B 48 6.15 20.64 -11.08
C LYS B 48 6.26 19.88 -12.39
N LEU B 49 5.12 19.49 -12.98
CA LEU B 49 5.14 18.69 -14.21
C LEU B 49 5.56 19.50 -15.42
N ASN B 50 5.10 20.75 -15.50
CA ASN B 50 5.62 21.69 -16.52
C ASN B 50 7.15 21.90 -16.53
N GLU B 51 7.71 22.16 -15.35
CA GLU B 51 9.14 22.35 -15.17
C GLU B 51 9.85 21.07 -15.63
N ALA B 52 9.27 19.91 -15.31
CA ALA B 52 9.91 18.65 -15.78
C ALA B 52 9.81 18.55 -17.27
N PHE B 53 8.63 18.85 -17.80
CA PHE B 53 8.38 18.71 -19.23
C PHE B 53 9.39 19.55 -20.04
N ASP B 54 9.60 20.79 -19.59
CA ASP B 54 10.57 21.67 -20.23
C ASP B 54 12.04 21.25 -19.99
N SER B 55 12.33 20.49 -18.95
CA SER B 55 13.72 20.29 -18.55
C SER B 55 14.39 19.20 -19.38
N VAL B 56 13.62 18.20 -19.82
CA VAL B 56 14.19 17.03 -20.47
C VAL B 56 13.37 16.57 -21.69
N GLU B 57 14.02 15.75 -22.51
CA GLU B 57 13.42 15.20 -23.72
C GLU B 57 12.16 14.35 -23.39
N ASN B 58 12.24 13.57 -22.33
CA ASN B 58 11.18 12.67 -22.02
C ASN B 58 10.90 12.67 -20.53
N VAL B 59 9.65 13.06 -20.22
CA VAL B 59 9.12 12.89 -18.90
C VAL B 59 8.24 11.65 -18.97
N ILE B 60 8.58 10.67 -18.12
CA ILE B 60 7.88 9.38 -18.13
C ILE B 60 6.99 9.28 -16.88
N LEU B 61 5.68 9.20 -17.12
CA LEU B 61 4.64 9.18 -16.07
C LEU B 61 4.26 7.66 -15.87
N ILE B 62 4.57 7.12 -14.69
CA ILE B 62 4.30 5.75 -14.33
C ILE B 62 3.07 5.73 -13.48
N PHE B 63 1.99 5.15 -14.04
CA PHE B 63 0.67 5.23 -13.40
C PHE B 63 0.37 4.09 -12.45
N SER B 64 -0.40 4.42 -11.41
CA SER B 64 -0.95 3.44 -10.47
C SER B 64 -2.28 3.94 -9.88
N VAL B 65 -3.33 3.16 -10.03
CA VAL B 65 -4.63 3.49 -9.44
C VAL B 65 -4.60 3.19 -7.94
N ASN B 66 -4.94 4.20 -7.13
CA ASN B 66 -4.93 3.99 -5.67
C ASN B 66 -5.61 2.65 -5.34
N ARG B 67 -5.01 1.91 -4.42
CA ARG B 67 -5.60 0.72 -3.81
C ARG B 67 -5.60 -0.52 -4.68
N THR B 68 -5.12 -0.46 -5.92
CA THR B 68 -5.15 -1.63 -6.78
C THR B 68 -3.96 -2.58 -6.60
N ARG B 69 -2.98 -2.20 -5.76
CA ARG B 69 -1.78 -3.01 -5.52
C ARG B 69 -0.83 -3.20 -6.73
N HIS B 70 -0.96 -2.35 -7.73
CA HIS B 70 -0.17 -2.48 -8.95
C HIS B 70 0.16 -1.12 -9.55
N PHE B 71 1.25 -1.12 -10.34
CA PHE B 71 1.47 -0.13 -11.37
C PHE B 71 0.80 -0.62 -12.64
N GLN B 72 0.09 0.29 -13.33
CA GLN B 72 -0.65 -0.05 -14.54
C GLN B 72 0.03 0.28 -15.85
N GLY B 73 1.20 0.91 -15.81
CA GLY B 73 1.89 1.26 -17.05
C GLY B 73 2.60 2.58 -16.98
N CYS B 74 3.16 2.97 -18.12
CA CYS B 74 3.82 4.25 -18.25
C CYS B 74 3.49 4.93 -19.55
N ALA B 75 3.54 6.26 -19.49
CA ALA B 75 3.24 7.16 -20.59
C ALA B 75 4.31 8.28 -20.74
N LYS B 76 4.52 8.81 -21.93
CA LYS B 76 5.32 10.03 -22.11
C LYS B 76 4.38 11.21 -22.02
N MET B 77 4.73 12.17 -21.20
CA MET B 77 4.06 13.46 -21.24
C MET B 77 4.45 14.14 -22.57
N THR B 78 3.44 14.44 -23.38
CA THR B 78 3.65 15.03 -24.70
C THR B 78 3.18 16.50 -24.88
N SER B 79 2.65 17.13 -23.85
CA SER B 79 2.48 18.60 -23.91
C SER B 79 2.58 19.24 -22.53
N ARG B 80 2.71 20.57 -22.52
CA ARG B 80 2.62 21.28 -21.27
C ARG B 80 1.20 21.24 -20.73
N ILE B 81 1.06 21.50 -19.46
CA ILE B 81 -0.24 21.78 -18.90
C ILE B 81 -0.50 23.23 -19.22
N GLY B 82 -1.67 23.53 -19.75
CA GLY B 82 -1.96 24.85 -20.30
C GLY B 82 -1.57 24.86 -21.77
N GLY B 83 -2.32 25.62 -22.56
CA GLY B 83 -2.09 25.67 -24.00
C GLY B 83 -2.51 24.42 -24.75
N TYR B 84 -3.00 23.38 -24.03
CA TYR B 84 -3.58 22.19 -24.70
C TYR B 84 -5.13 22.10 -24.58
N ILE B 85 -5.77 21.80 -25.71
CA ILE B 85 -7.21 21.86 -25.91
C ILE B 85 -7.66 20.47 -26.29
N GLY B 86 -8.59 19.93 -25.53
CA GLY B 86 -9.24 18.71 -25.91
C GLY B 86 -9.73 18.18 -24.60
N GLY B 87 -9.06 17.14 -24.14
CA GLY B 87 -9.28 16.64 -22.81
C GLY B 87 -10.59 15.92 -22.64
N GLY B 88 -10.70 15.21 -21.52
CA GLY B 88 -11.84 14.40 -21.21
C GLY B 88 -12.64 15.03 -20.11
N ASN B 89 -13.73 14.36 -19.79
CA ASN B 89 -14.61 14.73 -18.70
C ASN B 89 -14.17 13.84 -17.52
N TRP B 90 -13.44 14.41 -16.54
CA TRP B 90 -12.86 13.62 -15.43
C TRP B 90 -13.86 13.44 -14.30
N LYS B 91 -14.01 12.19 -13.82
CA LYS B 91 -14.82 11.92 -12.63
C LYS B 91 -14.10 12.45 -11.42
N HIS B 92 -14.83 13.00 -10.47
CA HIS B 92 -14.25 13.42 -9.20
C HIS B 92 -15.33 13.49 -8.15
N GLU B 93 -15.03 13.08 -6.94
CA GLU B 93 -16.05 12.97 -5.87
C GLU B 93 -16.59 14.34 -5.45
N HIS B 94 -17.70 14.33 -4.72
CA HIS B 94 -18.48 15.56 -4.51
C HIS B 94 -17.85 16.65 -3.63
N GLY B 95 -18.20 17.90 -3.91
CA GLY B 95 -17.38 19.04 -3.50
C GLY B 95 -16.21 19.07 -4.47
N THR B 96 -15.06 18.52 -4.05
CA THR B 96 -13.76 18.57 -4.78
C THR B 96 -13.78 19.38 -6.08
N ALA B 97 -13.13 20.56 -6.11
CA ALA B 97 -12.98 21.33 -7.39
C ALA B 97 -12.35 20.40 -8.46
N GLN B 98 -12.69 20.62 -9.72
CA GLN B 98 -12.21 19.71 -10.75
C GLN B 98 -10.65 19.74 -10.76
N TYR B 99 -10.07 18.79 -11.46
CA TYR B 99 -8.68 18.83 -11.75
C TYR B 99 -8.34 20.01 -12.68
N GLY B 100 -7.05 20.36 -12.70
CA GLY B 100 -6.50 21.36 -13.60
C GLY B 100 -6.63 21.05 -15.07
N ARG B 101 -5.94 21.81 -15.91
CA ARG B 101 -6.13 21.73 -17.33
C ARG B 101 -5.46 20.51 -17.90
N ASN B 102 -5.97 20.09 -19.03
CA ASN B 102 -5.60 18.83 -19.62
C ASN B 102 -4.27 18.92 -20.35
N PHE B 103 -3.59 17.80 -20.44
CA PHE B 103 -2.38 17.73 -21.19
C PHE B 103 -2.35 16.38 -21.86
N SER B 104 -1.57 16.29 -22.92
CA SER B 104 -1.55 15.10 -23.75
C SER B 104 -0.49 14.18 -23.20
N VAL B 105 -0.73 12.88 -23.33
CA VAL B 105 0.22 11.83 -22.96
C VAL B 105 0.19 10.79 -24.06
N LYS B 106 1.31 10.09 -24.26
CA LYS B 106 1.40 8.96 -25.15
C LYS B 106 1.69 7.70 -24.31
N TRP B 107 0.69 6.82 -24.26
CA TRP B 107 0.82 5.55 -23.58
C TRP B 107 1.85 4.64 -24.24
N LEU B 108 2.87 4.23 -23.47
CA LEU B 108 3.96 3.42 -23.96
C LEU B 108 3.82 1.95 -23.61
N LYS B 109 3.45 1.66 -22.39
CA LYS B 109 3.38 0.28 -21.94
C LYS B 109 2.26 0.24 -20.92
N LEU B 110 1.36 -0.71 -21.11
CA LEU B 110 0.25 -0.95 -20.21
C LEU B 110 0.33 -2.41 -19.84
N CYS B 111 0.27 -2.66 -18.53
CA CYS B 111 0.53 -3.92 -17.92
C CYS B 111 -0.03 -3.87 -16.48
N GLU B 112 0.24 -4.92 -15.71
CA GLU B 112 -0.08 -4.95 -14.27
C GLU B 112 1.14 -5.47 -13.54
N LEU B 113 1.93 -4.50 -13.06
CA LEU B 113 3.15 -4.79 -12.29
C LEU B 113 2.83 -4.66 -10.83
N SER B 114 2.91 -5.80 -10.15
CA SER B 114 2.58 -5.99 -8.77
C SER B 114 3.51 -5.19 -7.85
N PHE B 115 2.94 -4.57 -6.81
CA PHE B 115 3.82 -4.06 -5.74
C PHE B 115 4.70 -5.15 -5.03
N HIS B 116 4.29 -6.42 -5.09
CA HIS B 116 5.18 -7.44 -4.56
C HIS B 116 6.50 -7.38 -5.34
N LYS B 117 6.43 -7.25 -6.65
CA LYS B 117 7.65 -7.18 -7.49
C LYS B 117 8.51 -5.92 -7.27
N THR B 118 7.94 -4.86 -6.74
CA THR B 118 8.68 -3.62 -6.57
C THR B 118 8.99 -3.39 -5.11
N ARG B 119 8.90 -4.48 -4.31
CA ARG B 119 9.00 -4.39 -2.84
C ARG B 119 10.39 -4.03 -2.36
N ASN B 120 11.40 -4.24 -3.21
CA ASN B 120 12.78 -3.89 -2.89
C ASN B 120 13.36 -2.78 -3.76
N LEU B 121 12.49 -2.11 -4.50
CA LEU B 121 12.86 -0.95 -5.24
C LEU B 121 12.45 0.29 -4.38
N ARG B 122 13.46 1.00 -3.90
CA ARG B 122 13.30 2.15 -3.01
C ARG B 122 13.73 3.44 -3.68
N ASN B 123 13.11 4.55 -3.27
CA ASN B 123 13.28 5.83 -3.92
C ASN B 123 14.00 6.75 -2.96
N PRO B 124 15.26 7.11 -3.23
CA PRO B 124 15.98 8.15 -2.48
C PRO B 124 15.30 9.51 -2.38
N TYR B 125 14.44 9.88 -3.35
CA TYR B 125 13.74 11.16 -3.24
C TYR B 125 12.59 11.16 -2.20
N ASN B 126 12.27 9.99 -1.63
CA ASN B 126 11.17 9.82 -0.66
C ASN B 126 11.66 8.92 0.48
N GLU B 127 12.77 9.34 1.12
CA GLU B 127 13.32 8.68 2.30
C GLU B 127 13.60 7.18 2.12
N ASN B 128 14.00 6.78 0.92
CA ASN B 128 14.26 5.40 0.60
C ASN B 128 13.08 4.45 0.87
N LEU B 129 11.86 4.99 0.87
CA LEU B 129 10.69 4.18 1.08
C LEU B 129 10.47 3.37 -0.21
N PRO B 130 9.93 2.15 -0.09
CA PRO B 130 9.48 1.43 -1.28
C PRO B 130 8.63 2.30 -2.24
N VAL B 131 8.88 2.19 -3.53
CA VAL B 131 8.20 3.03 -4.56
C VAL B 131 6.66 2.97 -4.58
N LYS B 132 6.07 1.88 -4.05
CA LYS B 132 4.60 1.83 -3.91
C LYS B 132 4.14 2.92 -2.94
N ILE B 133 5.01 3.33 -2.01
CA ILE B 133 4.75 4.54 -1.20
C ILE B 133 5.17 5.81 -1.96
N SER B 134 4.22 6.22 -2.81
CA SER B 134 4.39 7.30 -3.77
C SER B 134 3.07 8.04 -3.94
N ARG B 135 2.99 9.27 -3.44
CA ARG B 135 1.83 10.11 -3.76
C ARG B 135 1.87 10.56 -5.20
N ASP B 136 0.74 11.05 -5.67
CA ASP B 136 0.61 11.64 -6.99
C ASP B 136 1.70 12.66 -7.30
N CYS B 137 2.43 12.40 -8.38
CA CYS B 137 3.48 13.24 -8.98
C CYS B 137 4.72 13.29 -8.16
N GLN B 138 4.90 12.28 -7.32
CA GLN B 138 6.18 12.04 -6.71
C GLN B 138 7.26 11.75 -7.76
N GLU B 139 8.31 12.54 -7.80
CA GLU B 139 9.44 12.20 -8.67
C GLU B 139 10.20 10.93 -8.17
N LEU B 140 10.63 10.09 -9.12
CA LEU B 140 11.53 9.00 -8.78
C LEU B 140 12.91 9.47 -9.07
N GLU B 141 13.82 9.25 -8.16
CA GLU B 141 15.22 9.42 -8.47
C GLU B 141 15.49 8.70 -9.81
N PRO B 142 16.21 9.39 -10.72
CA PRO B 142 16.24 8.92 -12.10
C PRO B 142 16.71 7.47 -12.35
N SER B 143 17.74 7.05 -11.69
CA SER B 143 18.21 5.65 -11.84
C SER B 143 17.13 4.66 -11.34
N VAL B 144 16.39 5.05 -10.28
CA VAL B 144 15.34 4.22 -9.74
C VAL B 144 14.09 4.19 -10.66
N GLY B 145 13.71 5.34 -11.17
CA GLY B 145 12.66 5.49 -12.14
C GLY B 145 12.88 4.66 -13.41
N GLU B 146 14.12 4.64 -13.89
CA GLU B 146 14.44 3.81 -15.01
C GLU B 146 14.33 2.33 -14.62
N GLN B 147 14.76 1.90 -13.43
CA GLN B 147 14.57 0.50 -13.01
C GLN B 147 13.06 0.12 -12.96
N LEU B 148 12.23 1.05 -12.48
CA LEU B 148 10.82 0.78 -12.38
C LEU B 148 10.20 0.66 -13.75
N ALA B 149 10.49 1.59 -14.65
CA ALA B 149 9.99 1.48 -16.04
C ALA B 149 10.40 0.17 -16.73
N SER B 150 11.62 -0.28 -16.47
CA SER B 150 12.11 -1.54 -17.05
C SER B 150 11.31 -2.70 -16.59
N LEU B 151 11.04 -2.72 -15.28
CA LEU B 151 10.17 -3.71 -14.70
C LEU B 151 8.85 -3.84 -15.43
N LEU B 152 8.27 -2.68 -15.82
CA LEU B 152 7.01 -2.66 -16.60
C LEU B 152 7.12 -3.40 -17.95
N TYR B 153 8.26 -3.22 -18.62
CA TYR B 153 8.50 -3.82 -19.91
C TYR B 153 8.80 -5.32 -19.81
N LEU B 154 9.14 -5.85 -18.62
CA LEU B 154 9.23 -7.32 -18.42
C LEU B 154 7.86 -7.93 -18.24
N GLU B 155 6.78 -7.14 -18.04
CA GLU B 155 5.46 -7.75 -17.93
C GLU B 155 4.82 -7.90 -19.26
N PRO B 156 3.89 -8.87 -19.39
CA PRO B 156 3.05 -8.90 -20.59
C PRO B 156 2.11 -7.73 -20.70
N ASP B 157 1.74 -7.37 -21.93
CA ASP B 157 0.68 -6.36 -22.15
C ASP B 157 -0.63 -6.70 -21.42
N SER B 158 -1.28 -5.72 -20.79
CA SER B 158 -2.65 -5.88 -20.30
C SER B 158 -3.63 -5.73 -21.48
N GLU B 159 -4.91 -5.99 -21.24
CA GLU B 159 -5.97 -5.82 -22.25
C GLU B 159 -5.94 -4.36 -22.77
N LEU B 160 -5.62 -3.44 -21.86
CA LEU B 160 -5.55 -2.00 -22.17
C LEU B 160 -4.51 -1.57 -23.21
N MET B 161 -3.41 -2.33 -23.33
CA MET B 161 -2.36 -1.98 -24.32
C MET B 161 -2.94 -2.01 -25.73
N ALA B 162 -3.75 -3.05 -25.99
CA ALA B 162 -4.50 -3.24 -27.24
C ALA B 162 -5.34 -2.01 -27.59
N ILE B 163 -6.23 -1.66 -26.66
CA ILE B 163 -7.17 -0.50 -26.72
C ILE B 163 -6.50 0.89 -26.88
N SER B 164 -5.32 1.06 -26.27
CA SER B 164 -4.48 2.27 -26.39
C SER B 164 -3.95 2.52 -27.80
N ILE B 165 -3.45 1.46 -28.42
CA ILE B 165 -2.93 1.49 -29.80
C ILE B 165 -4.10 1.55 -30.79
N ALA B 166 -5.13 0.72 -30.55
CA ALA B 166 -6.45 0.80 -31.22
C ALA B 166 -7.17 2.18 -31.16
N ALA B 167 -6.86 3.02 -30.17
CA ALA B 167 -7.37 4.41 -30.10
C ALA B 167 -6.31 5.48 -30.55
N GLU B 168 -5.01 5.15 -30.46
CA GLU B 168 -3.93 6.05 -30.91
C GLU B 168 -4.02 6.45 -32.41
N ALA B 169 -4.80 5.73 -33.22
CA ALA B 169 -5.10 6.17 -34.60
C ALA B 169 -6.15 7.29 -34.66
N SER C 9 -1.22 -25.62 -0.72
CA SER C 9 -1.54 -25.31 0.69
C SER C 9 -2.81 -26.01 1.24
N HIS C 10 -4.02 -25.87 0.72
CA HIS C 10 -5.02 -26.95 0.91
C HIS C 10 -4.89 -28.03 -0.18
N PRO C 11 -4.91 -29.31 0.20
CA PRO C 11 -4.81 -30.39 -0.81
C PRO C 11 -5.99 -30.41 -1.76
N LEU C 12 -5.79 -30.90 -2.96
CA LEU C 12 -6.88 -30.95 -3.91
C LEU C 12 -7.93 -31.93 -3.30
N PRO C 13 -9.22 -31.56 -3.28
CA PRO C 13 -10.12 -32.54 -2.66
C PRO C 13 -10.40 -33.84 -3.48
N GLN C 14 -10.82 -34.86 -2.74
CA GLN C 14 -10.80 -36.27 -3.21
C GLN C 14 -12.14 -36.68 -3.71
N GLY C 15 -12.13 -37.79 -4.43
CA GLY C 15 -13.37 -38.31 -5.04
C GLY C 15 -13.61 -37.97 -6.51
N VAL C 16 -14.87 -37.69 -6.84
CA VAL C 16 -15.31 -37.57 -8.23
C VAL C 16 -15.41 -36.09 -8.55
N ASN C 17 -14.51 -35.65 -9.42
CA ASN C 17 -14.28 -34.24 -9.68
C ASN C 17 -14.52 -33.83 -11.15
N ARG C 18 -14.91 -32.56 -11.34
CA ARG C 18 -14.86 -31.91 -12.63
C ARG C 18 -14.00 -30.65 -12.53
N TYR C 19 -13.43 -30.25 -13.63
CA TYR C 19 -12.39 -29.19 -13.68
C TYR C 19 -12.69 -28.25 -14.79
N PHE C 20 -12.56 -26.96 -14.56
CA PHE C 20 -12.78 -25.95 -15.58
C PHE C 20 -11.66 -24.93 -15.56
N VAL C 21 -11.23 -24.43 -16.73
CA VAL C 21 -10.28 -23.33 -16.77
C VAL C 21 -11.11 -22.05 -16.66
N VAL C 22 -10.81 -21.22 -15.67
CA VAL C 22 -11.47 -19.90 -15.54
C VAL C 22 -10.48 -18.83 -15.99
N LYS C 23 -10.95 -17.90 -16.79
CA LYS C 23 -10.06 -16.84 -17.29
C LYS C 23 -10.47 -15.51 -16.59
N SER C 24 -9.51 -14.70 -16.15
CA SER C 24 -9.75 -13.31 -15.69
C SER C 24 -9.15 -12.28 -16.65
N ASN C 25 -9.82 -11.15 -16.77
CA ASN C 25 -9.39 -10.12 -17.70
C ASN C 25 -8.15 -9.49 -17.15
N ASN C 26 -8.01 -9.43 -15.85
CA ASN C 26 -6.87 -8.79 -15.28
C ASN C 26 -6.46 -9.39 -13.95
N ARG C 27 -5.27 -9.00 -13.49
CA ARG C 27 -4.74 -9.45 -12.21
C ARG C 27 -5.52 -8.92 -11.02
N GLU C 28 -5.92 -7.63 -11.03
CA GLU C 28 -6.70 -7.05 -9.91
C GLU C 28 -7.91 -7.89 -9.53
N ASN C 29 -8.78 -8.20 -10.50
CA ASN C 29 -9.98 -9.03 -10.22
C ASN C 29 -9.65 -10.36 -9.61
N PHE C 30 -8.58 -10.97 -10.13
CA PHE C 30 -8.07 -12.20 -9.57
C PHE C 30 -7.66 -12.02 -8.13
N GLU C 31 -6.90 -10.95 -7.83
CA GLU C 31 -6.52 -10.68 -6.42
C GLU C 31 -7.72 -10.41 -5.49
N LEU C 32 -8.74 -9.74 -6.01
CA LEU C 32 -9.96 -9.49 -5.25
C LEU C 32 -10.68 -10.78 -4.92
N SER C 33 -10.78 -11.69 -5.90
CA SER C 33 -11.38 -12.98 -5.62
C SER C 33 -10.71 -13.70 -4.53
N VAL C 34 -9.37 -13.63 -4.50
CA VAL C 34 -8.58 -14.27 -3.46
C VAL C 34 -8.74 -13.63 -2.08
N GLN C 35 -8.98 -12.32 -2.05
CA GLN C 35 -9.20 -11.59 -0.80
C GLN C 35 -10.58 -11.92 -0.22
N GLN C 36 -11.57 -11.93 -1.11
CA GLN C 36 -12.97 -12.11 -0.82
C GLN C 36 -13.58 -13.53 -0.89
N GLY C 37 -12.86 -14.55 -1.34
CA GLY C 37 -13.43 -15.96 -1.41
C GLY C 37 -14.65 -16.09 -2.32
N VAL C 38 -14.63 -15.38 -3.41
CA VAL C 38 -15.80 -15.19 -4.24
C VAL C 38 -15.32 -15.09 -5.65
N TRP C 39 -16.15 -15.43 -6.62
CA TRP C 39 -15.88 -15.19 -7.97
C TRP C 39 -17.23 -15.00 -8.66
N ALA C 40 -17.21 -14.39 -9.86
CA ALA C 40 -18.41 -14.27 -10.70
C ALA C 40 -17.89 -14.47 -12.06
N THR C 41 -18.69 -15.09 -12.92
CA THR C 41 -18.32 -15.34 -14.29
C THR C 41 -19.39 -14.73 -15.19
N GLN C 42 -19.18 -14.83 -16.49
CA GLN C 42 -20.18 -14.42 -17.48
C GLN C 42 -21.48 -15.22 -17.36
N ARG C 43 -22.62 -14.59 -17.67
CA ARG C 43 -23.95 -15.24 -17.54
C ARG C 43 -24.16 -16.50 -18.40
N SER C 44 -23.59 -16.55 -19.61
CA SER C 44 -23.58 -17.79 -20.42
C SER C 44 -22.86 -19.03 -19.85
N ASN C 45 -22.08 -18.85 -18.79
CA ASN C 45 -21.37 -19.94 -18.13
C ASN C 45 -22.11 -20.44 -16.89
N GLU C 46 -23.15 -19.72 -16.45
CA GLU C 46 -23.79 -19.99 -15.18
C GLU C 46 -24.50 -21.36 -15.08
N ALA C 47 -25.19 -21.80 -16.13
CA ALA C 47 -25.81 -23.15 -16.13
C ALA C 47 -24.79 -24.25 -15.93
N LYS C 48 -23.77 -24.18 -16.78
CA LYS C 48 -22.76 -25.18 -16.85
C LYS C 48 -22.12 -25.38 -15.50
N LEU C 49 -21.70 -24.29 -14.85
CA LEU C 49 -21.10 -24.43 -13.51
C LEU C 49 -22.10 -24.94 -12.48
N ASN C 50 -23.31 -24.36 -12.51
CA ASN C 50 -24.38 -24.82 -11.58
C ASN C 50 -24.68 -26.31 -11.75
N GLU C 51 -24.82 -26.77 -12.99
CA GLU C 51 -25.07 -28.19 -13.24
C GLU C 51 -23.90 -28.99 -12.69
N ALA C 52 -22.68 -28.49 -12.93
CA ALA C 52 -21.50 -29.21 -12.46
C ALA C 52 -21.45 -29.30 -10.92
N PHE C 53 -21.76 -28.19 -10.26
CA PHE C 53 -21.74 -28.13 -8.80
C PHE C 53 -22.68 -29.16 -8.15
N ASP C 54 -23.85 -29.34 -8.74
CA ASP C 54 -24.78 -30.37 -8.28
C ASP C 54 -24.40 -31.81 -8.67
N SER C 55 -23.63 -32.01 -9.73
CA SER C 55 -23.44 -33.40 -10.24
C SER C 55 -22.30 -34.19 -9.64
N VAL C 56 -21.33 -33.52 -9.02
CA VAL C 56 -20.09 -34.16 -8.56
C VAL C 56 -19.71 -33.65 -7.20
N GLU C 57 -18.74 -34.34 -6.62
CA GLU C 57 -18.26 -34.00 -5.32
C GLU C 57 -17.55 -32.65 -5.28
N ASN C 58 -16.64 -32.42 -6.21
CA ASN C 58 -15.87 -31.19 -6.27
C ASN C 58 -15.70 -30.62 -7.65
N VAL C 59 -16.06 -29.35 -7.77
CA VAL C 59 -15.88 -28.63 -9.00
C VAL C 59 -14.65 -27.77 -8.76
N ILE C 60 -13.60 -28.05 -9.53
CA ILE C 60 -12.32 -27.40 -9.37
C ILE C 60 -12.10 -26.37 -10.47
N LEU C 61 -11.79 -25.16 -10.07
CA LEU C 61 -11.64 -24.09 -11.01
C LEU C 61 -10.15 -23.68 -11.09
N ILE C 62 -9.58 -23.79 -12.28
CA ILE C 62 -8.17 -23.59 -12.43
C ILE C 62 -8.04 -22.27 -13.15
N PHE C 63 -7.49 -21.27 -12.50
CA PHE C 63 -7.46 -19.89 -13.02
C PHE C 63 -6.23 -19.51 -13.81
N SER C 64 -6.44 -18.69 -14.82
CA SER C 64 -5.39 -18.10 -15.65
C SER C 64 -5.79 -16.71 -16.06
N VAL C 65 -4.95 -15.73 -15.77
CA VAL C 65 -5.24 -14.35 -16.17
C VAL C 65 -4.78 -14.20 -17.62
N ASN C 66 -5.69 -13.74 -18.48
CA ASN C 66 -5.41 -13.40 -19.88
C ASN C 66 -4.04 -12.73 -20.05
N ARG C 67 -3.26 -13.24 -21.01
CA ARG C 67 -2.00 -12.66 -21.39
C ARG C 67 -0.85 -12.92 -20.45
N THR C 68 -1.10 -13.50 -19.27
CA THR C 68 0.02 -13.76 -18.34
C THR C 68 0.88 -14.95 -18.71
N ARG C 69 0.38 -15.81 -19.59
CA ARG C 69 1.15 -17.02 -19.98
C ARG C 69 1.40 -17.96 -18.82
N HIS C 70 0.50 -17.88 -17.81
CA HIS C 70 0.59 -18.67 -16.58
C HIS C 70 -0.82 -18.99 -16.13
N PHE C 71 -0.93 -20.11 -15.42
CA PHE C 71 -2.01 -20.42 -14.50
C PHE C 71 -1.64 -19.95 -13.06
N GLN C 72 -2.58 -19.30 -12.38
CA GLN C 72 -2.34 -18.67 -11.07
C GLN C 72 -2.80 -19.52 -9.88
N GLY C 73 -3.61 -20.55 -10.14
CA GLY C 73 -3.98 -21.44 -9.07
C GLY C 73 -5.25 -22.18 -9.30
N CYS C 74 -5.71 -22.84 -8.24
CA CYS C 74 -7.01 -23.46 -8.29
C CYS C 74 -7.80 -23.25 -7.03
N ALA C 75 -9.10 -23.37 -7.21
CA ALA C 75 -10.08 -23.19 -6.16
C ALA C 75 -11.26 -24.21 -6.31
N LYS C 76 -11.88 -24.62 -5.21
CA LYS C 76 -13.14 -25.31 -5.21
C LYS C 76 -14.33 -24.35 -5.20
N MET C 77 -15.30 -24.62 -6.07
CA MET C 77 -16.58 -23.91 -6.08
C MET C 77 -17.37 -24.47 -4.92
N THR C 78 -17.71 -23.59 -3.98
CA THR C 78 -18.31 -24.03 -2.74
C THR C 78 -19.75 -23.64 -2.58
N SER C 79 -20.31 -22.92 -3.55
CA SER C 79 -21.71 -22.60 -3.54
C SER C 79 -22.24 -22.56 -4.96
N ARG C 80 -23.56 -22.72 -5.08
CA ARG C 80 -24.23 -22.50 -6.35
C ARG C 80 -24.15 -21.04 -6.68
N ILE C 81 -24.54 -20.72 -7.90
CA ILE C 81 -24.60 -19.40 -8.39
C ILE C 81 -26.01 -18.90 -8.15
N GLY C 82 -26.19 -18.08 -7.11
CA GLY C 82 -27.51 -17.55 -6.67
C GLY C 82 -27.58 -17.40 -5.14
N TRP C 90 -15.77 -5.29 -9.01
CA TRP C 90 -14.89 -6.15 -9.82
C TRP C 90 -14.04 -5.34 -10.79
N TYR C 99 -20.28 -9.49 -15.97
CA TYR C 99 -20.15 -10.53 -14.93
C TYR C 99 -21.44 -10.65 -14.10
N GLY C 100 -21.90 -11.89 -13.86
CA GLY C 100 -23.18 -12.16 -13.19
C GLY C 100 -23.13 -12.33 -11.68
N ARG C 101 -23.93 -13.24 -11.12
CA ARG C 101 -23.98 -13.37 -9.67
C ARG C 101 -22.71 -14.00 -9.15
N ASN C 102 -22.40 -13.59 -7.93
CA ASN C 102 -21.26 -14.09 -7.24
C ASN C 102 -21.52 -15.47 -6.76
N PHE C 103 -20.45 -16.23 -6.60
CA PHE C 103 -20.56 -17.48 -5.96
C PHE C 103 -19.30 -17.59 -5.19
N SER C 104 -19.33 -18.37 -4.13
CA SER C 104 -18.16 -18.50 -3.33
C SER C 104 -17.27 -19.67 -3.82
N VAL C 105 -15.99 -19.52 -3.46
CA VAL C 105 -14.91 -20.38 -3.86
C VAL C 105 -14.02 -20.43 -2.66
N LYS C 106 -13.30 -21.52 -2.56
CA LYS C 106 -12.32 -21.76 -1.57
C LYS C 106 -11.01 -21.99 -2.34
N TRP C 107 -10.06 -21.08 -2.13
CA TRP C 107 -8.77 -21.12 -2.77
C TRP C 107 -7.93 -22.21 -2.20
N LEU C 108 -7.48 -23.10 -3.05
CA LEU C 108 -6.68 -24.27 -2.63
C LEU C 108 -5.18 -24.11 -2.77
N LYS C 109 -4.76 -23.66 -3.96
CA LYS C 109 -3.34 -23.43 -4.27
C LYS C 109 -3.18 -22.17 -5.07
N LEU C 110 -2.23 -21.31 -4.70
CA LEU C 110 -1.90 -20.10 -5.47
C LEU C 110 -0.46 -20.14 -5.86
N CYS C 111 -0.16 -19.85 -7.14
CA CYS C 111 1.19 -19.99 -7.69
C CYS C 111 1.27 -19.31 -9.02
N GLU C 112 2.41 -19.43 -9.72
CA GLU C 112 2.54 -19.05 -11.10
C GLU C 112 3.10 -20.29 -11.86
N LEU C 113 2.24 -20.97 -12.57
CA LEU C 113 2.63 -22.14 -13.34
C LEU C 113 2.72 -21.71 -14.76
N SER C 114 3.89 -21.78 -15.32
CA SER C 114 4.11 -21.36 -16.73
C SER C 114 3.38 -22.29 -17.68
N PHE C 115 2.85 -21.71 -18.74
CA PHE C 115 2.34 -22.52 -19.88
C PHE C 115 3.42 -23.43 -20.53
N HIS C 116 4.70 -23.06 -20.39
CA HIS C 116 5.82 -23.93 -20.76
C HIS C 116 5.73 -25.29 -20.09
N LYS C 117 5.38 -25.32 -18.82
CA LYS C 117 5.33 -26.56 -18.10
C LYS C 117 4.11 -27.41 -18.46
N THR C 118 3.08 -26.80 -19.05
CA THR C 118 1.89 -27.45 -19.50
C THR C 118 1.84 -27.74 -21.01
N ARG C 119 2.93 -27.53 -21.76
CA ARG C 119 2.93 -27.65 -23.21
C ARG C 119 2.63 -29.08 -23.71
N ASN C 120 2.82 -30.10 -22.88
CA ASN C 120 2.44 -31.48 -23.24
C ASN C 120 1.03 -31.91 -22.80
N LEU C 121 0.28 -31.06 -22.13
CA LEU C 121 -1.06 -31.37 -21.67
C LEU C 121 -2.10 -30.91 -22.66
N ARG C 122 -2.80 -31.89 -23.23
CA ARG C 122 -3.79 -31.65 -24.26
C ARG C 122 -5.19 -31.96 -23.75
N ASN C 123 -6.17 -31.14 -24.18
CA ASN C 123 -7.57 -31.29 -23.72
C ASN C 123 -8.38 -31.95 -24.82
N PRO C 124 -8.82 -33.20 -24.61
CA PRO C 124 -9.69 -33.80 -25.65
C PRO C 124 -11.07 -33.17 -25.65
N TYR C 125 -11.45 -32.42 -24.63
CA TYR C 125 -12.68 -31.62 -24.75
C TYR C 125 -12.51 -30.38 -25.65
N ASN C 126 -11.29 -30.02 -26.00
CA ASN C 126 -11.06 -28.81 -26.84
C ASN C 126 -10.10 -29.19 -27.95
N GLU C 127 -10.50 -30.20 -28.72
CA GLU C 127 -9.79 -30.62 -29.92
C GLU C 127 -8.38 -31.04 -29.71
N ASN C 128 -8.05 -31.55 -28.53
CA ASN C 128 -6.65 -31.84 -28.20
C ASN C 128 -5.70 -30.66 -28.28
N LEU C 129 -6.22 -29.46 -28.12
CA LEU C 129 -5.36 -28.30 -28.04
C LEU C 129 -4.69 -28.32 -26.70
N PRO C 130 -3.48 -27.80 -26.62
CA PRO C 130 -2.87 -27.73 -25.27
C PRO C 130 -3.72 -26.89 -24.36
N VAL C 131 -3.69 -27.22 -23.09
CA VAL C 131 -4.59 -26.56 -22.15
C VAL C 131 -4.47 -25.07 -22.00
N LYS C 132 -3.31 -24.48 -22.33
CA LYS C 132 -3.21 -23.03 -22.36
C LYS C 132 -4.19 -22.36 -23.32
N ILE C 133 -4.62 -23.07 -24.36
CA ILE C 133 -5.63 -22.60 -25.33
C ILE C 133 -6.96 -23.08 -24.75
N SER C 134 -7.59 -22.21 -23.95
CA SER C 134 -8.81 -22.54 -23.19
C SER C 134 -9.57 -21.23 -23.03
N ARG C 135 -10.79 -21.14 -23.55
CA ARG C 135 -11.69 -20.01 -23.14
C ARG C 135 -12.19 -20.13 -21.70
N ASP C 136 -12.85 -19.08 -21.25
CA ASP C 136 -13.33 -18.98 -19.89
C ASP C 136 -14.36 -20.12 -19.72
N CYS C 137 -14.17 -20.90 -18.66
CA CYS C 137 -15.05 -22.00 -18.29
C CYS C 137 -15.05 -23.15 -19.31
N GLN C 138 -13.99 -23.28 -20.10
CA GLN C 138 -13.70 -24.56 -20.81
C GLN C 138 -13.50 -25.71 -19.78
N GLU C 139 -14.34 -26.73 -19.85
CA GLU C 139 -14.13 -27.93 -19.07
C GLU C 139 -12.89 -28.72 -19.57
N LEU C 140 -12.11 -29.24 -18.63
CA LEU C 140 -11.02 -30.17 -18.93
C LEU C 140 -11.49 -31.61 -18.67
N GLU C 141 -11.20 -32.54 -19.58
CA GLU C 141 -11.37 -33.96 -19.31
C GLU C 141 -10.66 -34.25 -17.97
N PRO C 142 -11.35 -34.96 -17.06
CA PRO C 142 -10.89 -35.00 -15.66
C PRO C 142 -9.45 -35.47 -15.45
N SER C 143 -9.03 -36.53 -16.14
CA SER C 143 -7.64 -36.98 -15.99
C SER C 143 -6.65 -35.87 -16.42
N VAL C 144 -7.03 -35.07 -17.40
CA VAL C 144 -6.19 -33.93 -17.78
C VAL C 144 -6.26 -32.81 -16.75
N GLY C 145 -7.45 -32.52 -16.30
CA GLY C 145 -7.63 -31.52 -15.22
C GLY C 145 -6.85 -31.87 -13.96
N GLU C 146 -6.79 -33.17 -13.66
CA GLU C 146 -5.99 -33.71 -12.52
C GLU C 146 -4.52 -33.52 -12.75
N GLN C 147 -4.06 -33.82 -13.94
CA GLN C 147 -2.65 -33.57 -14.23
C GLN C 147 -2.33 -32.05 -14.19
N LEU C 148 -3.22 -31.20 -14.65
CA LEU C 148 -2.94 -29.74 -14.59
C LEU C 148 -2.86 -29.30 -13.14
N ALA C 149 -3.86 -29.72 -12.34
CA ALA C 149 -3.95 -29.32 -10.92
C ALA C 149 -2.74 -29.78 -10.18
N SER C 150 -2.32 -31.02 -10.42
CA SER C 150 -1.20 -31.57 -9.73
C SER C 150 0.09 -30.76 -10.06
N LEU C 151 0.22 -30.21 -11.25
CA LEU C 151 1.38 -29.36 -11.56
C LEU C 151 1.37 -28.00 -10.81
N LEU C 152 0.21 -27.47 -10.50
CA LEU C 152 0.13 -26.29 -9.66
C LEU C 152 0.77 -26.54 -8.26
N TYR C 153 0.51 -27.74 -7.71
CA TYR C 153 1.04 -28.19 -6.44
C TYR C 153 2.54 -28.42 -6.42
N LEU C 154 3.19 -28.59 -7.56
CA LEU C 154 4.63 -28.64 -7.53
C LEU C 154 5.32 -27.25 -7.51
N GLU C 155 4.55 -26.18 -7.55
CA GLU C 155 5.11 -24.85 -7.57
C GLU C 155 5.13 -24.31 -6.17
N PRO C 156 6.07 -23.45 -5.85
CA PRO C 156 5.96 -22.74 -4.60
C PRO C 156 4.74 -21.83 -4.57
N ASP C 157 4.32 -21.49 -3.37
CA ASP C 157 3.23 -20.55 -3.20
C ASP C 157 3.57 -19.23 -3.81
N SER C 158 2.58 -18.54 -4.32
CA SER C 158 2.77 -17.14 -4.64
C SER C 158 2.46 -16.36 -3.36
N GLU C 159 2.85 -15.08 -3.31
CA GLU C 159 2.45 -14.18 -2.20
C GLU C 159 0.96 -14.28 -1.83
N LEU C 160 0.12 -14.56 -2.81
CA LEU C 160 -1.32 -14.61 -2.60
C LEU C 160 -1.80 -15.80 -1.77
N MET C 161 -1.00 -16.87 -1.64
CA MET C 161 -1.42 -18.01 -0.80
C MET C 161 -1.77 -17.51 0.61
N ALA C 162 -0.82 -16.81 1.24
CA ALA C 162 -1.01 -16.23 2.58
C ALA C 162 -2.24 -15.33 2.68
N ILE C 163 -2.36 -14.37 1.75
CA ILE C 163 -3.54 -13.47 1.67
C ILE C 163 -4.89 -14.21 1.62
N SER C 164 -4.94 -15.35 0.93
CA SER C 164 -6.15 -16.22 0.91
C SER C 164 -6.38 -16.96 2.23
N ILE C 165 -5.31 -17.43 2.87
CA ILE C 165 -5.47 -18.14 4.14
C ILE C 165 -5.96 -17.21 5.27
N ALA C 166 -5.28 -16.06 5.41
CA ALA C 166 -5.70 -15.00 6.38
C ALA C 166 -7.14 -14.42 6.17
N ALA C 167 -7.55 -14.19 4.92
CA ALA C 167 -8.88 -13.64 4.65
C ALA C 167 -9.99 -14.71 4.68
N GLU C 168 -9.59 -15.99 4.66
CA GLU C 168 -10.51 -17.14 4.79
C GLU C 168 -10.96 -17.30 6.25
N ALA C 169 -10.04 -17.08 7.19
CA ALA C 169 -10.38 -16.97 8.62
C ALA C 169 -11.46 -15.89 8.86
N LYS C 170 -11.18 -14.67 8.39
CA LYS C 170 -12.07 -13.51 8.52
C LYS C 170 -13.57 -13.77 8.25
N ARG C 171 -13.92 -14.50 7.18
CA ARG C 171 -15.37 -14.72 6.84
C ARG C 171 -16.05 -15.92 7.54
N GLU C 172 -15.47 -16.41 8.64
CA GLU C 172 -16.03 -17.54 9.36
C GLU C 172 -16.00 -17.27 10.87
N SER D 9 37.01 -19.20 0.44
CA SER D 9 35.99 -18.11 0.54
C SER D 9 34.59 -18.56 0.11
N HIS D 10 33.57 -18.22 0.91
CA HIS D 10 32.18 -18.64 0.66
C HIS D 10 31.58 -17.77 -0.49
N PRO D 11 30.65 -18.34 -1.30
CA PRO D 11 30.07 -17.57 -2.41
C PRO D 11 28.90 -16.70 -1.93
N LEU D 12 28.06 -16.22 -2.85
CA LEU D 12 26.76 -15.63 -2.49
C LEU D 12 25.78 -16.65 -1.81
N PRO D 13 24.94 -16.18 -0.88
CA PRO D 13 23.68 -16.90 -0.50
C PRO D 13 22.51 -16.43 -1.39
N GLN D 14 21.65 -17.35 -1.86
CA GLN D 14 20.91 -17.14 -3.13
C GLN D 14 19.79 -16.06 -3.25
N GLY D 15 19.13 -15.66 -2.16
CA GLY D 15 17.93 -14.77 -2.29
C GLY D 15 18.12 -13.28 -2.63
N VAL D 16 17.13 -12.46 -2.30
CA VAL D 16 17.27 -11.02 -2.49
C VAL D 16 18.31 -10.49 -1.54
N ASN D 17 19.20 -9.61 -2.05
CA ASN D 17 20.19 -8.93 -1.23
C ASN D 17 19.89 -7.45 -0.98
N ARG D 18 20.22 -6.97 0.22
CA ARG D 18 20.53 -5.54 0.44
C ARG D 18 22.00 -5.37 0.97
N TYR D 19 22.58 -4.19 0.77
CA TYR D 19 24.02 -3.99 0.90
C TYR D 19 24.23 -2.76 1.73
N PHE D 20 25.05 -2.91 2.77
CA PHE D 20 25.45 -1.78 3.60
C PHE D 20 26.97 -1.68 3.69
N VAL D 21 27.51 -0.47 3.62
CA VAL D 21 28.92 -0.27 3.94
C VAL D 21 29.11 -0.08 5.47
N VAL D 22 29.83 -1.02 6.09
CA VAL D 22 30.22 -0.97 7.49
C VAL D 22 31.65 -0.40 7.59
N LYS D 23 31.79 0.68 8.38
CA LYS D 23 33.08 1.25 8.72
C LYS D 23 33.59 0.78 10.11
N SER D 24 34.90 0.72 10.26
CA SER D 24 35.61 0.33 11.48
C SER D 24 36.68 1.38 11.76
N ASN D 25 36.82 1.79 13.03
CA ASN D 25 37.84 2.79 13.35
C ASN D 25 39.28 2.24 13.35
N ASN D 26 39.46 0.91 13.40
CA ASN D 26 40.81 0.33 13.37
C ASN D 26 40.77 -1.05 12.78
N ARG D 27 41.93 -1.51 12.38
CA ARG D 27 42.06 -2.83 11.80
C ARG D 27 41.88 -3.93 12.86
N GLU D 28 42.05 -3.59 14.14
CA GLU D 28 41.96 -4.61 15.18
C GLU D 28 40.53 -5.13 15.39
N ASN D 29 39.55 -4.24 15.57
CA ASN D 29 38.14 -4.65 15.72
C ASN D 29 37.66 -5.42 14.51
N PHE D 30 37.91 -4.90 13.30
CA PHE D 30 37.65 -5.66 12.08
C PHE D 30 38.30 -7.05 12.17
N GLU D 31 39.53 -7.14 12.67
CA GLU D 31 40.22 -8.45 12.82
C GLU D 31 39.70 -9.30 13.99
N LEU D 32 39.25 -8.68 15.08
CA LEU D 32 38.56 -9.44 16.14
C LEU D 32 37.34 -10.13 15.47
N SER D 33 36.53 -9.30 14.80
CA SER D 33 35.34 -9.75 14.08
C SER D 33 35.57 -10.88 13.08
N VAL D 34 36.73 -10.98 12.47
CA VAL D 34 37.00 -12.06 11.53
C VAL D 34 37.19 -13.38 12.28
N GLN D 35 37.71 -13.29 13.51
CA GLN D 35 37.91 -14.48 14.36
C GLN D 35 36.62 -14.85 15.12
N GLN D 36 35.93 -13.85 15.67
CA GLN D 36 34.71 -14.05 16.50
C GLN D 36 33.34 -14.31 15.75
N GLY D 37 33.25 -13.99 14.45
CA GLY D 37 32.00 -14.14 13.69
C GLY D 37 30.95 -13.20 14.26
N VAL D 38 31.37 -11.96 14.52
CA VAL D 38 30.59 -11.02 15.34
C VAL D 38 30.96 -9.53 15.06
N TRP D 39 29.94 -8.67 15.00
CA TRP D 39 30.15 -7.23 14.83
C TRP D 39 29.23 -6.48 15.77
N ALA D 40 29.41 -5.17 15.89
CA ALA D 40 28.39 -4.29 16.45
C ALA D 40 28.56 -2.87 15.90
N THR D 41 27.45 -2.15 15.75
CA THR D 41 27.51 -0.81 15.22
C THR D 41 26.90 0.15 16.21
N GLN D 42 26.95 1.44 15.88
CA GLN D 42 26.37 2.49 16.72
C GLN D 42 24.83 2.32 16.81
N ARG D 43 24.25 2.87 17.87
CA ARG D 43 22.86 2.54 18.26
C ARG D 43 21.85 2.95 17.20
N SER D 44 22.03 4.13 16.62
CA SER D 44 21.07 4.65 15.64
C SER D 44 21.03 3.79 14.37
N ASN D 45 22.13 3.12 14.06
CA ASN D 45 22.20 2.22 12.88
C ASN D 45 21.42 0.91 13.07
N GLU D 46 21.33 0.44 14.32
CA GLU D 46 20.80 -0.91 14.61
C GLU D 46 19.38 -1.22 14.12
N ALA D 47 18.51 -0.21 14.06
CA ALA D 47 17.11 -0.41 13.66
C ALA D 47 17.02 -0.73 12.16
N LYS D 48 17.62 0.16 11.37
CA LYS D 48 17.76 0.00 9.93
C LYS D 48 18.38 -1.35 9.57
N LEU D 49 19.40 -1.75 10.30
CA LEU D 49 19.99 -3.09 10.06
C LEU D 49 19.04 -4.30 10.27
N ASN D 50 18.20 -4.22 11.29
CA ASN D 50 17.28 -5.32 11.61
C ASN D 50 16.10 -5.33 10.66
N GLU D 51 15.60 -4.12 10.38
CA GLU D 51 14.56 -3.91 9.36
C GLU D 51 14.98 -4.61 8.05
N ALA D 52 16.21 -4.27 7.61
CA ALA D 52 16.87 -4.97 6.53
C ALA D 52 16.95 -6.46 6.78
N PHE D 53 17.43 -6.88 7.96
CA PHE D 53 17.52 -8.33 8.23
C PHE D 53 16.16 -9.04 8.06
N ASP D 54 15.08 -8.40 8.49
CA ASP D 54 13.74 -8.99 8.36
C ASP D 54 13.20 -8.94 6.93
N SER D 55 13.45 -7.84 6.23
CA SER D 55 12.89 -7.61 4.90
C SER D 55 13.41 -8.54 3.77
N VAL D 56 14.66 -8.98 3.84
CA VAL D 56 15.27 -9.71 2.71
C VAL D 56 16.12 -10.87 3.19
N GLU D 57 16.38 -11.82 2.31
CA GLU D 57 17.10 -13.04 2.66
C GLU D 57 18.54 -12.79 3.15
N ASN D 58 19.22 -11.78 2.60
CA ASN D 58 20.67 -11.56 2.84
C ASN D 58 20.99 -10.08 2.95
N VAL D 59 21.45 -9.70 4.13
CA VAL D 59 22.04 -8.39 4.36
C VAL D 59 23.56 -8.55 4.26
N ILE D 60 24.10 -8.12 3.11
CA ILE D 60 25.53 -8.12 2.82
C ILE D 60 26.10 -6.82 3.38
N LEU D 61 27.06 -6.97 4.29
CA LEU D 61 27.78 -5.87 4.90
C LEU D 61 29.17 -5.82 4.22
N ILE D 62 29.53 -4.63 3.73
CA ILE D 62 30.79 -4.44 2.98
C ILE D 62 31.69 -3.55 3.84
N PHE D 63 32.81 -4.13 4.28
CA PHE D 63 33.68 -3.55 5.30
C PHE D 63 34.77 -2.74 4.65
N SER D 64 34.97 -1.56 5.20
CA SER D 64 36.14 -0.74 4.97
C SER D 64 36.63 -0.13 6.30
N VAL D 65 37.87 -0.45 6.71
CA VAL D 65 38.51 0.22 7.86
C VAL D 65 38.85 1.64 7.48
N ASN D 66 38.40 2.61 8.28
CA ASN D 66 38.76 4.02 8.13
C ASN D 66 40.21 4.23 7.76
N ARG D 67 40.45 5.19 6.88
CA ARG D 67 41.77 5.59 6.41
C ARG D 67 42.62 4.52 5.69
N THR D 68 42.20 3.25 5.56
CA THR D 68 43.01 2.27 4.80
C THR D 68 43.01 2.42 3.24
N ARG D 69 42.14 3.29 2.72
CA ARG D 69 41.81 3.43 1.30
C ARG D 69 41.40 2.12 0.56
N HIS D 70 40.86 1.16 1.31
CA HIS D 70 40.45 -0.12 0.77
C HIS D 70 39.13 -0.56 1.43
N PHE D 71 38.41 -1.43 0.74
CA PHE D 71 37.41 -2.28 1.34
C PHE D 71 38.15 -3.60 1.62
N GLN D 72 37.90 -4.21 2.79
CA GLN D 72 38.59 -5.48 3.17
C GLN D 72 37.71 -6.71 3.02
N GLY D 73 36.44 -6.53 2.66
CA GLY D 73 35.58 -7.65 2.27
C GLY D 73 34.13 -7.47 2.68
N CYS D 74 33.38 -8.56 2.50
CA CYS D 74 31.96 -8.61 2.94
C CYS D 74 31.59 -9.90 3.70
N ALA D 75 30.60 -9.71 4.56
CA ALA D 75 30.00 -10.77 5.33
C ALA D 75 28.47 -10.63 5.27
N LYS D 76 27.80 -11.78 5.29
CA LYS D 76 26.32 -11.87 5.45
C LYS D 76 25.95 -11.72 6.89
N MET D 77 24.99 -10.85 7.18
CA MET D 77 24.48 -10.77 8.57
C MET D 77 23.56 -12.00 8.83
N THR D 78 23.88 -12.76 9.89
CA THR D 78 23.22 -14.05 10.15
C THR D 78 22.20 -14.03 11.30
N SER D 79 22.19 -13.02 12.18
CA SER D 79 21.18 -12.88 13.25
C SER D 79 20.70 -11.45 13.41
N ARG D 80 19.65 -11.26 14.22
CA ARG D 80 19.11 -9.94 14.56
C ARG D 80 19.99 -9.22 15.57
N ILE D 81 19.69 -7.97 15.87
CA ILE D 81 20.43 -7.22 16.90
C ILE D 81 19.70 -7.43 18.21
N GLY D 82 20.42 -7.84 19.25
CA GLY D 82 19.82 -8.29 20.50
C GLY D 82 19.40 -7.15 21.42
N ARG D 101 25.85 -3.01 20.92
CA ARG D 101 24.75 -3.95 20.97
C ARG D 101 25.09 -5.00 19.95
N ASN D 102 25.74 -6.07 20.39
CA ASN D 102 26.30 -7.14 19.50
C ASN D 102 25.40 -7.74 18.42
N PHE D 103 26.03 -8.40 17.43
CA PHE D 103 25.32 -9.34 16.55
C PHE D 103 26.23 -10.22 15.70
N SER D 104 25.62 -11.25 15.15
CA SER D 104 26.31 -12.29 14.42
C SER D 104 26.46 -11.95 12.91
N VAL D 105 27.61 -12.34 12.33
CA VAL D 105 27.96 -12.14 10.90
C VAL D 105 28.73 -13.36 10.39
N LYS D 106 28.64 -13.67 9.10
CA LYS D 106 29.36 -14.76 8.48
C LYS D 106 30.24 -14.24 7.31
N TRP D 107 31.55 -14.15 7.55
CA TRP D 107 32.51 -13.64 6.56
C TRP D 107 32.46 -14.48 5.27
N LEU D 108 32.30 -13.82 4.12
CA LEU D 108 32.17 -14.48 2.83
C LEU D 108 33.40 -14.31 1.94
N LYS D 109 33.96 -13.11 1.97
CA LYS D 109 35.14 -12.81 1.19
C LYS D 109 35.94 -11.81 1.99
N LEU D 110 37.23 -12.10 2.08
CA LEU D 110 38.23 -11.20 2.65
C LEU D 110 39.30 -10.94 1.57
N CYS D 111 39.70 -9.67 1.44
CA CYS D 111 40.61 -9.22 0.35
C CYS D 111 41.00 -7.76 0.67
N GLU D 112 41.81 -7.13 -0.17
CA GLU D 112 42.07 -5.69 -0.06
C GLU D 112 41.71 -5.07 -1.40
N LEU D 113 40.52 -4.46 -1.51
CA LEU D 113 40.07 -3.85 -2.74
C LEU D 113 40.32 -2.36 -2.67
N SER D 114 41.17 -1.84 -3.56
CA SER D 114 41.46 -0.42 -3.57
C SER D 114 40.23 0.40 -3.96
N PHE D 115 40.12 1.55 -3.32
CA PHE D 115 39.16 2.55 -3.75
C PHE D 115 39.38 3.01 -5.18
N HIS D 116 40.61 2.94 -5.68
CA HIS D 116 40.91 3.21 -7.07
C HIS D 116 40.06 2.36 -8.00
N LYS D 117 39.90 1.09 -7.67
CA LYS D 117 39.04 0.24 -8.52
C LYS D 117 37.55 0.56 -8.42
N THR D 118 37.11 1.26 -7.35
CA THR D 118 35.70 1.52 -7.11
C THR D 118 35.35 2.94 -7.49
N ARG D 119 36.26 3.63 -8.17
CA ARG D 119 36.13 5.10 -8.36
C ARG D 119 34.98 5.43 -9.35
N ASN D 120 34.58 4.46 -10.17
CA ASN D 120 33.43 4.67 -11.07
C ASN D 120 32.10 4.16 -10.52
N LEU D 121 32.05 3.56 -9.35
CA LEU D 121 30.84 3.07 -8.74
C LEU D 121 30.23 4.17 -7.85
N ARG D 122 29.08 4.68 -8.24
CA ARG D 122 28.41 5.77 -7.50
C ARG D 122 27.11 5.27 -6.89
N ASN D 123 26.70 5.87 -5.78
CA ASN D 123 25.53 5.41 -5.04
C ASN D 123 24.36 6.41 -5.14
N PRO D 124 23.31 6.05 -5.91
CA PRO D 124 22.07 6.85 -6.00
C PRO D 124 21.44 7.14 -4.63
N TYR D 125 21.68 6.27 -3.63
CA TYR D 125 21.20 6.51 -2.27
C TYR D 125 22.00 7.54 -1.52
N ASN D 126 23.26 7.79 -1.95
CA ASN D 126 24.09 8.83 -1.34
C ASN D 126 24.53 9.81 -2.38
N GLU D 127 23.57 10.41 -3.07
CA GLU D 127 23.83 11.56 -3.94
C GLU D 127 24.81 11.35 -5.07
N ASN D 128 24.85 10.12 -5.59
CA ASN D 128 25.72 9.72 -6.68
C ASN D 128 27.20 9.94 -6.42
N LEU D 129 27.53 9.98 -5.13
CA LEU D 129 28.92 10.02 -4.71
C LEU D 129 29.58 8.64 -4.90
N PRO D 130 30.91 8.61 -5.13
CA PRO D 130 31.62 7.32 -5.19
C PRO D 130 31.37 6.50 -3.93
N VAL D 131 31.26 5.19 -4.06
CA VAL D 131 31.03 4.32 -2.91
C VAL D 131 32.06 4.43 -1.78
N LYS D 132 33.30 4.79 -2.09
CA LYS D 132 34.27 5.05 -0.99
C LYS D 132 33.77 6.15 0.01
N ILE D 133 32.91 7.06 -0.44
CA ILE D 133 32.36 8.12 0.41
C ILE D 133 31.06 7.58 0.99
N SER D 134 31.20 6.82 2.06
CA SER D 134 30.10 6.13 2.73
C SER D 134 30.40 6.19 4.23
N ARG D 135 29.47 6.78 5.00
CA ARG D 135 29.37 6.60 6.47
C ARG D 135 29.05 5.18 6.87
N ASP D 136 29.25 4.87 8.17
CA ASP D 136 28.96 3.53 8.74
C ASP D 136 27.45 3.18 8.55
N CYS D 137 27.23 2.03 7.94
CA CYS D 137 25.89 1.51 7.59
C CYS D 137 25.12 2.38 6.63
N GLN D 138 25.82 3.03 5.71
CA GLN D 138 25.21 3.55 4.47
C GLN D 138 24.74 2.34 3.61
N GLU D 139 23.50 2.38 3.14
CA GLU D 139 23.00 1.39 2.19
C GLU D 139 23.44 1.80 0.81
N LEU D 140 23.82 0.80 0.03
CA LEU D 140 24.13 0.94 -1.36
C LEU D 140 22.88 0.49 -2.11
N GLU D 141 22.54 1.26 -3.14
CA GLU D 141 21.56 0.84 -4.10
C GLU D 141 21.95 -0.60 -4.55
N PRO D 142 20.99 -1.52 -4.55
CA PRO D 142 21.35 -2.93 -4.76
C PRO D 142 22.16 -3.27 -6.00
N SER D 143 21.89 -2.66 -7.14
CA SER D 143 22.66 -3.02 -8.32
C SER D 143 24.10 -2.55 -8.18
N VAL D 144 24.30 -1.38 -7.56
CA VAL D 144 25.67 -0.88 -7.27
C VAL D 144 26.36 -1.71 -6.18
N GLY D 145 25.56 -2.14 -5.20
CA GLY D 145 26.00 -3.06 -4.18
C GLY D 145 26.48 -4.41 -4.70
N GLU D 146 25.73 -4.94 -5.66
CA GLU D 146 26.07 -6.20 -6.34
C GLU D 146 27.41 -6.01 -7.08
N GLN D 147 27.61 -4.82 -7.62
CA GLN D 147 28.78 -4.53 -8.41
C GLN D 147 30.01 -4.47 -7.49
N LEU D 148 29.84 -3.84 -6.34
CA LEU D 148 30.93 -3.74 -5.39
C LEU D 148 31.30 -5.10 -4.85
N ALA D 149 30.28 -5.86 -4.50
CA ALA D 149 30.50 -7.20 -3.95
C ALA D 149 31.23 -8.03 -4.97
N SER D 150 30.75 -7.96 -6.19
CA SER D 150 31.37 -8.70 -7.30
C SER D 150 32.89 -8.32 -7.53
N LEU D 151 33.23 -7.04 -7.36
CA LEU D 151 34.64 -6.63 -7.38
C LEU D 151 35.46 -7.27 -6.27
N LEU D 152 34.87 -7.40 -5.08
CA LEU D 152 35.62 -8.03 -3.97
C LEU D 152 35.99 -9.46 -4.34
N TYR D 153 35.04 -10.14 -4.95
CA TYR D 153 35.22 -11.53 -5.29
C TYR D 153 36.31 -11.70 -6.37
N LEU D 154 36.59 -10.67 -7.17
CA LEU D 154 37.63 -10.73 -8.20
C LEU D 154 39.04 -10.55 -7.66
N GLU D 155 39.18 -10.02 -6.44
CA GLU D 155 40.48 -9.88 -5.80
C GLU D 155 40.94 -11.22 -5.24
N PRO D 156 42.27 -11.43 -5.19
CA PRO D 156 42.76 -12.62 -4.48
C PRO D 156 42.43 -12.52 -2.98
N ASP D 157 42.24 -13.68 -2.35
CA ASP D 157 41.96 -13.76 -0.92
C ASP D 157 43.07 -13.03 -0.22
N SER D 158 42.75 -12.29 0.85
CA SER D 158 43.77 -11.77 1.73
C SER D 158 44.02 -12.86 2.77
N GLU D 159 44.98 -12.62 3.66
CA GLU D 159 45.41 -13.57 4.71
C GLU D 159 44.30 -13.92 5.68
N LEU D 160 43.41 -12.97 5.95
CA LEU D 160 42.33 -13.16 6.92
C LEU D 160 41.23 -14.16 6.49
N MET D 161 41.19 -14.56 5.22
CA MET D 161 40.22 -15.56 4.73
C MET D 161 40.39 -16.98 5.31
N ALA D 162 41.64 -17.43 5.49
CA ALA D 162 41.95 -18.71 6.18
C ALA D 162 41.64 -18.61 7.67
N ILE D 163 42.15 -17.56 8.31
CA ILE D 163 41.83 -17.19 9.71
C ILE D 163 40.29 -17.15 9.96
N SER D 164 39.53 -16.63 8.99
CA SER D 164 38.05 -16.61 9.04
C SER D 164 37.40 -17.98 8.93
N ILE D 165 37.82 -18.76 7.91
CA ILE D 165 37.23 -20.07 7.60
C ILE D 165 37.59 -21.15 8.66
N ALA D 166 38.84 -21.16 9.12
CA ALA D 166 39.27 -22.09 10.20
C ALA D 166 38.67 -21.72 11.59
N ALA D 167 38.36 -20.43 11.81
CA ALA D 167 37.71 -19.95 13.06
C ALA D 167 36.19 -19.98 13.01
N GLU D 168 35.61 -20.36 11.87
CA GLU D 168 34.16 -20.55 11.75
C GLU D 168 33.84 -21.99 12.08
N ALA D 169 34.57 -22.91 11.44
CA ALA D 169 34.43 -24.37 11.64
C ALA D 169 34.54 -24.78 13.12
N LYS D 170 35.58 -24.29 13.79
CA LYS D 170 35.79 -24.54 15.23
C LYS D 170 34.62 -24.01 16.06
N ARG D 171 34.14 -22.80 15.73
CA ARG D 171 32.99 -22.18 16.40
C ARG D 171 31.65 -22.94 16.25
N GLU D 172 31.54 -23.81 15.24
CA GLU D 172 30.33 -24.65 15.02
C GLU D 172 30.32 -26.00 15.79
N GLU D 173 31.27 -26.20 16.71
CA GLU D 173 31.27 -27.31 17.67
C GLU D 173 31.31 -26.78 19.10
#